data_4KRD
#
_entry.id   4KRD
#
_cell.length_a   50.578
_cell.length_b   66.358
_cell.length_c   78.892
_cell.angle_alpha   90.00
_cell.angle_beta   99.21
_cell.angle_gamma   90.00
#
_symmetry.space_group_name_H-M   'P 1 21 1'
#
loop_
_entity.id
_entity.type
_entity.pdbx_description
1 polymer 'Cyclin-dependent protein kinase PHO85'
2 polymer 'PHO85 cyclin-10'
3 water water
#
loop_
_entity_poly.entity_id
_entity_poly.type
_entity_poly.pdbx_seq_one_letter_code
_entity_poly.pdbx_strand_id
1 'polypeptide(L)'
;MSSSSQFKQLEKLGNGTYATVYKGLNKTTGVYVALKEVKLDSEEGTPSTAIREISLMKELKHENIVRLYDVIHTENKLTL
VFEFMDNDLKKYMDSRTVGNTPRGLELNLVKYFQWQLLQGLAFCHENKILHRDLKPQNLLINKRGQLKLGDFGLARAFGI
PVNTFSSEVVTLWYRAPDVLMGSRTYSTSIDIWSCGCILAEMITGKPLFPGTNDEEQLKLIFDIMGTPNESLWPSVTKLP
KYNPNIQQRPPRDLRQVLQPHTKEPLDGNLMDFLHGLLQLNPDMRLSAKQALHHPWFAEYYHHASMGGSRSHHHHHH
;
A
2 'polypeptide(L)'
;SLPHDEEEDQEKTKSESENPLLHGIPVDVEVPHISVDEALANFKETIELLLKLSGNRKCTGFNTRVEKKEYSNFYMKSKP
TLSSADFLKRIQDKCEYQPTVYLVATFLIDTLFLTRDGNNILQLKLNLQEKEVHRMIIAAVRLSTKLLEDFVHSHEYFSK
VCGISKRLLTKLEVSLLICVCNTKLMVSNRKLAASKLLLNELRSFCV
;
B
#
# COMPACT_ATOMS: atom_id res chain seq x y z
N SER A 2 -23.54 2.90 0.90
CA SER A 2 -22.57 2.12 1.66
C SER A 2 -23.27 1.09 2.56
N SER A 3 -24.55 0.87 2.31
CA SER A 3 -25.26 -0.18 3.03
C SER A 3 -24.94 -1.52 2.39
N SER A 4 -25.05 -2.59 3.17
CA SER A 4 -24.72 -3.93 2.68
C SER A 4 -25.63 -4.30 1.52
N SER A 5 -26.88 -3.85 1.60
CA SER A 5 -27.88 -4.24 0.61
C SER A 5 -27.77 -3.44 -0.69
N GLN A 6 -26.84 -2.49 -0.74
CA GLN A 6 -26.66 -1.66 -1.94
C GLN A 6 -26.17 -2.48 -3.15
N PHE A 7 -25.38 -3.53 -2.89
CA PHE A 7 -24.77 -4.33 -3.96
C PHE A 7 -25.25 -5.77 -3.96
N LYS A 8 -25.66 -6.24 -5.12
CA LYS A 8 -26.01 -7.64 -5.31
C LYS A 8 -24.74 -8.42 -5.60
N GLN A 9 -24.54 -9.54 -4.90
CA GLN A 9 -23.38 -10.38 -5.15
C GLN A 9 -23.66 -11.39 -6.26
N LEU A 10 -22.78 -11.44 -7.25
CA LEU A 10 -22.94 -12.39 -8.35
C LEU A 10 -21.86 -13.46 -8.25
N GLU A 11 -21.37 -13.93 -9.39
CA GLU A 11 -20.43 -15.05 -9.42
C GLU A 11 -19.04 -14.73 -8.87
N LYS A 12 -18.41 -15.73 -8.26
CA LYS A 12 -17.05 -15.58 -7.78
C LYS A 12 -16.12 -15.37 -8.97
N LEU A 13 -15.14 -14.49 -8.80
CA LEU A 13 -14.23 -14.14 -9.89
C LEU A 13 -12.84 -14.69 -9.63
N GLY A 14 -12.43 -14.71 -8.38
CA GLY A 14 -11.06 -15.05 -8.06
C GLY A 14 -10.84 -15.07 -6.57
N ASN A 15 -9.73 -15.69 -6.18
CA ASN A 15 -9.44 -15.99 -4.79
C ASN A 15 -8.00 -15.63 -4.48
N GLY A 16 -7.79 -15.08 -3.28
CA GLY A 16 -6.45 -14.79 -2.80
C GLY A 16 -6.37 -15.19 -1.34
N THR A 17 -5.18 -15.09 -0.73
CA THR A 17 -5.00 -15.47 0.67
C THR A 17 -5.92 -14.68 1.58
N TYR A 18 -5.94 -13.36 1.43
CA TYR A 18 -6.72 -12.50 2.31
C TYR A 18 -7.92 -11.84 1.63
N ALA A 19 -8.44 -12.44 0.58
CA ALA A 19 -9.62 -11.90 -0.09
C ALA A 19 -10.18 -12.81 -1.18
N THR A 20 -11.50 -12.79 -1.32
CA THR A 20 -12.21 -13.43 -2.41
C THR A 20 -12.92 -12.34 -3.17
N VAL A 21 -12.75 -12.31 -4.48
CA VAL A 21 -13.38 -11.30 -5.32
C VAL A 21 -14.62 -11.86 -6.01
N TYR A 22 -15.75 -11.18 -5.87
CA TYR A 22 -16.98 -11.53 -6.56
C TYR A 22 -17.39 -10.44 -7.53
N LYS A 23 -18.10 -10.84 -8.59
CA LYS A 23 -18.75 -9.85 -9.43
C LYS A 23 -19.94 -9.36 -8.62
N GLY A 24 -20.29 -8.09 -8.77
CA GLY A 24 -21.41 -7.53 -8.03
C GLY A 24 -22.16 -6.51 -8.88
N LEU A 25 -23.30 -6.04 -8.39
CA LEU A 25 -24.13 -5.08 -9.11
C LEU A 25 -24.65 -4.02 -8.15
N ASN A 26 -24.39 -2.75 -8.45
CA ASN A 26 -24.99 -1.66 -7.69
C ASN A 26 -26.47 -1.64 -8.03
N LYS A 27 -27.31 -1.89 -7.03
CA LYS A 27 -28.74 -2.08 -7.25
C LYS A 27 -29.46 -0.84 -7.76
N THR A 28 -28.90 0.33 -7.52
CA THR A 28 -29.50 1.60 -7.93
C THR A 28 -29.13 2.00 -9.37
N THR A 29 -27.85 1.88 -9.72
CA THR A 29 -27.39 2.32 -11.03
C THR A 29 -27.45 1.20 -12.05
N GLY A 30 -27.44 -0.04 -11.56
CA GLY A 30 -27.37 -1.21 -12.41
C GLY A 30 -25.99 -1.40 -13.02
N VAL A 31 -24.97 -0.83 -12.38
CA VAL A 31 -23.60 -0.88 -12.92
C VAL A 31 -22.77 -1.92 -12.17
N TYR A 32 -22.00 -2.72 -12.91
CA TYR A 32 -21.21 -3.79 -12.29
C TYR A 32 -20.09 -3.25 -11.42
N VAL A 33 -19.79 -3.98 -10.35
CA VAL A 33 -18.65 -3.69 -9.51
C VAL A 33 -17.90 -4.98 -9.21
N ALA A 34 -16.72 -4.85 -8.62
CA ALA A 34 -16.00 -6.02 -8.09
C ALA A 34 -16.03 -5.94 -6.57
N LEU A 35 -16.56 -6.98 -5.93
CA LEU A 35 -16.66 -7.04 -4.51
C LEU A 35 -15.51 -7.85 -3.96
N LYS A 36 -14.58 -7.18 -3.28
CA LYS A 36 -13.42 -7.86 -2.70
C LYS A 36 -13.70 -8.07 -1.23
N GLU A 37 -14.06 -9.30 -0.88
CA GLU A 37 -14.47 -9.63 0.47
C GLU A 37 -13.29 -10.14 1.28
N VAL A 38 -13.00 -9.43 2.36
CA VAL A 38 -11.88 -9.77 3.20
C VAL A 38 -12.39 -10.35 4.51
N LYS A 39 -11.96 -11.59 4.82
CA LYS A 39 -12.45 -12.25 6.01
C LYS A 39 -11.90 -11.54 7.25
N LEU A 40 -12.77 -11.39 8.24
CA LEU A 40 -12.40 -10.72 9.48
C LEU A 40 -12.54 -11.75 10.61
N ASP A 41 -11.41 -12.28 11.04
CA ASP A 41 -11.37 -13.22 12.15
C ASP A 41 -11.09 -12.47 13.46
N SER A 42 -12.09 -12.44 14.34
CA SER A 42 -11.99 -11.71 15.61
C SER A 42 -10.71 -12.01 16.40
N GLU A 43 -10.18 -13.22 16.25
CA GLU A 43 -9.00 -13.62 17.01
C GLU A 43 -7.68 -13.32 16.28
N GLU A 44 -7.75 -12.99 14.99
N GLU A 44 -7.75 -13.06 15.06
CA GLU A 44 -6.54 -12.75 14.19
CA GLU A 44 -6.54 -12.82 14.26
C GLU A 44 -6.29 -11.25 13.86
C GLU A 44 -6.29 -11.32 13.93
N GLY A 45 -7.35 -10.44 13.87
CA GLY A 45 -7.23 -9.03 13.54
C GLY A 45 -7.43 -8.74 12.06
N THR A 46 -7.44 -7.45 11.72
CA THR A 46 -7.67 -6.98 10.36
C THR A 46 -6.43 -7.18 9.51
N PRO A 47 -6.58 -7.84 8.34
CA PRO A 47 -5.37 -8.02 7.52
C PRO A 47 -4.69 -6.69 7.12
N SER A 48 -3.36 -6.65 7.20
CA SER A 48 -2.63 -5.43 6.84
C SER A 48 -2.82 -5.05 5.37
N THR A 49 -3.06 -6.04 4.54
CA THR A 49 -3.28 -5.82 3.12
C THR A 49 -4.51 -4.97 2.85
N ALA A 50 -5.61 -5.27 3.55
CA ALA A 50 -6.85 -4.48 3.41
C ALA A 50 -6.66 -3.03 3.85
N ILE A 51 -6.01 -2.85 5.00
CA ILE A 51 -5.75 -1.54 5.58
C ILE A 51 -4.90 -0.67 4.64
N ARG A 52 -3.84 -1.24 4.08
CA ARG A 52 -3.00 -0.51 3.12
C ARG A 52 -3.73 -0.14 1.84
N GLU A 53 -4.51 -1.07 1.32
CA GLU A 53 -5.25 -0.84 0.10
C GLU A 53 -6.26 0.26 0.28
N ILE A 54 -6.96 0.21 1.41
CA ILE A 54 -7.96 1.21 1.77
C ILE A 54 -7.31 2.59 1.99
N SER A 55 -6.10 2.62 2.56
CA SER A 55 -5.40 3.89 2.80
C SER A 55 -5.07 4.65 1.50
N LEU A 56 -5.02 3.94 0.37
CA LEU A 56 -4.81 4.58 -0.92
C LEU A 56 -6.09 5.03 -1.67
N MET A 57 -7.27 4.67 -1.16
CA MET A 57 -8.47 4.71 -2.00
C MET A 57 -8.92 6.11 -2.40
N LYS A 58 -8.62 7.10 -1.56
CA LYS A 58 -9.00 8.47 -1.88
C LYS A 58 -7.89 9.23 -2.61
N GLU A 59 -6.66 8.74 -2.54
CA GLU A 59 -5.56 9.56 -3.04
C GLU A 59 -4.92 9.10 -4.34
N LEU A 60 -4.73 7.79 -4.48
CA LEU A 60 -4.13 7.28 -5.69
C LEU A 60 -5.16 7.09 -6.77
N LYS A 61 -5.75 8.19 -7.25
CA LYS A 61 -6.70 8.16 -8.38
C LYS A 61 -6.02 8.47 -9.71
N HIS A 62 -6.16 7.55 -10.67
CA HIS A 62 -5.45 7.67 -11.94
C HIS A 62 -6.11 6.73 -12.95
N GLU A 63 -6.10 7.11 -14.22
CA GLU A 63 -6.71 6.29 -15.27
C GLU A 63 -6.19 4.84 -15.29
N ASN A 64 -4.94 4.64 -14.91
CA ASN A 64 -4.38 3.27 -14.96
C ASN A 64 -4.21 2.61 -13.60
N ILE A 65 -5.08 2.99 -12.66
CA ILE A 65 -5.13 2.39 -11.33
C ILE A 65 -6.58 2.07 -11.04
N VAL A 66 -6.86 0.85 -10.58
CA VAL A 66 -8.23 0.48 -10.33
C VAL A 66 -8.83 1.33 -9.20
N ARG A 67 -10.06 1.81 -9.41
CA ARG A 67 -10.75 2.65 -8.42
C ARG A 67 -11.40 1.85 -7.31
N LEU A 68 -11.17 2.28 -6.06
CA LEU A 68 -11.86 1.71 -4.91
C LEU A 68 -12.89 2.71 -4.42
N TYR A 69 -14.16 2.31 -4.48
CA TYR A 69 -15.30 3.20 -4.23
C TYR A 69 -15.77 3.27 -2.78
N ASP A 70 -15.77 2.14 -2.10
CA ASP A 70 -16.42 2.06 -0.80
C ASP A 70 -15.93 0.86 -0.02
N VAL A 71 -16.10 0.93 1.31
CA VAL A 71 -15.70 -0.11 2.23
C VAL A 71 -16.92 -0.39 3.10
N ILE A 72 -17.34 -1.66 3.13
CA ILE A 72 -18.56 -2.04 3.86
C ILE A 72 -18.28 -3.09 4.93
N HIS A 73 -18.57 -2.77 6.17
CA HIS A 73 -18.34 -3.71 7.26
C HIS A 73 -19.60 -4.48 7.65
N THR A 74 -19.53 -5.80 7.54
CA THR A 74 -20.56 -6.70 8.05
C THR A 74 -19.91 -7.75 8.95
N GLU A 75 -20.71 -8.58 9.60
CA GLU A 75 -20.17 -9.58 10.52
C GLU A 75 -19.04 -10.42 9.91
N ASN A 76 -17.86 -10.34 10.50
CA ASN A 76 -16.71 -11.15 10.05
C ASN A 76 -16.20 -10.84 8.65
N LYS A 77 -16.48 -9.64 8.15
CA LYS A 77 -16.22 -9.32 6.76
C LYS A 77 -16.18 -7.82 6.44
N LEU A 78 -15.12 -7.41 5.75
CA LEU A 78 -15.08 -6.11 5.11
C LEU A 78 -15.21 -6.37 3.62
N THR A 79 -16.10 -5.64 2.95
CA THR A 79 -16.19 -5.70 1.51
C THR A 79 -15.65 -4.41 0.92
N LEU A 80 -14.64 -4.55 0.07
CA LEU A 80 -14.09 -3.40 -0.63
C LEU A 80 -14.75 -3.39 -1.99
N VAL A 81 -15.40 -2.29 -2.32
CA VAL A 81 -16.12 -2.19 -3.59
C VAL A 81 -15.31 -1.45 -4.62
N PHE A 82 -14.86 -2.20 -5.64
CA PHE A 82 -13.98 -1.70 -6.68
C PHE A 82 -14.71 -1.55 -8.00
N GLU A 83 -14.17 -0.74 -8.90
CA GLU A 83 -14.69 -0.71 -10.26
C GLU A 83 -14.53 -2.10 -10.89
N PHE A 84 -15.47 -2.48 -11.74
CA PHE A 84 -15.42 -3.80 -12.34
C PHE A 84 -14.52 -3.81 -13.57
N MET A 85 -13.66 -4.81 -13.65
CA MET A 85 -12.79 -4.98 -14.81
C MET A 85 -12.98 -6.39 -15.40
N ASP A 86 -13.14 -6.49 -16.71
CA ASP A 86 -13.52 -7.75 -17.35
C ASP A 86 -12.52 -8.88 -17.19
N ASN A 87 -11.24 -8.54 -17.08
CA ASN A 87 -10.22 -9.54 -17.04
C ASN A 87 -8.95 -9.05 -16.36
N ASP A 88 -7.98 -9.95 -16.22
CA ASP A 88 -6.64 -9.57 -15.80
C ASP A 88 -5.69 -10.16 -16.85
N LEU A 89 -4.48 -9.60 -16.95
CA LEU A 89 -3.54 -10.01 -18.00
C LEU A 89 -3.34 -11.52 -18.06
N LYS A 90 -3.17 -12.14 -16.90
CA LYS A 90 -2.94 -13.59 -16.83
C LYS A 90 -4.04 -14.41 -17.48
N LYS A 91 -5.30 -13.98 -17.32
CA LYS A 91 -6.43 -14.70 -17.90
C LYS A 91 -6.64 -14.33 -19.36
N TYR A 92 -6.35 -13.08 -19.70
CA TYR A 92 -6.46 -12.65 -21.08
C TYR A 92 -5.49 -13.47 -21.94
N MET A 93 -4.32 -13.75 -21.40
CA MET A 93 -3.31 -14.54 -22.11
C MET A 93 -3.66 -16.02 -22.10
N ASP A 94 -3.89 -16.58 -20.91
CA ASP A 94 -4.39 -17.94 -20.77
C ASP A 94 -5.56 -18.15 -21.73
N SER A 95 -6.27 -17.06 -22.04
CA SER A 95 -7.44 -17.06 -22.92
C SER A 95 -7.02 -17.20 -24.39
N ARG A 96 -5.74 -17.45 -24.61
CA ARG A 96 -5.21 -17.54 -25.97
C ARG A 96 -4.29 -18.75 -26.13
N ARG A 103 0.59 -18.25 -26.64
CA ARG A 103 0.20 -17.46 -25.49
C ARG A 103 0.83 -16.06 -25.57
N GLY A 104 1.87 -15.92 -26.39
CA GLY A 104 2.52 -14.64 -26.58
C GLY A 104 1.70 -13.67 -27.41
N LEU A 105 1.61 -12.42 -26.95
CA LEU A 105 0.72 -11.44 -27.57
C LEU A 105 1.41 -10.78 -28.75
N GLU A 106 0.62 -10.30 -29.70
CA GLU A 106 1.13 -9.48 -30.79
C GLU A 106 1.76 -8.21 -30.23
N LEU A 107 2.85 -7.75 -30.85
CA LEU A 107 3.66 -6.65 -30.32
C LEU A 107 2.97 -5.29 -30.17
N ASN A 108 1.94 -5.02 -30.96
CA ASN A 108 1.27 -3.73 -30.86
C ASN A 108 0.45 -3.67 -29.58
N LEU A 109 -0.02 -4.85 -29.16
CA LEU A 109 -0.75 -5.00 -27.91
C LEU A 109 0.24 -4.96 -26.74
N VAL A 110 1.32 -5.71 -26.88
CA VAL A 110 2.38 -5.70 -25.88
C VAL A 110 2.83 -4.29 -25.51
N LYS A 111 3.03 -3.46 -26.52
CA LYS A 111 3.50 -2.10 -26.31
C LYS A 111 2.43 -1.26 -25.61
N TYR A 112 1.19 -1.45 -26.05
CA TYR A 112 0.07 -0.70 -25.50
C TYR A 112 -0.17 -1.07 -24.04
N PHE A 113 -0.09 -2.35 -23.71
CA PHE A 113 -0.23 -2.76 -22.31
C PHE A 113 0.94 -2.27 -21.47
N GLN A 114 2.16 -2.37 -22.00
CA GLN A 114 3.35 -1.89 -21.26
C GLN A 114 3.29 -0.38 -21.02
N TRP A 115 2.84 0.36 -22.03
CA TRP A 115 2.65 1.81 -21.88
C TRP A 115 1.74 2.11 -20.68
N GLN A 116 0.57 1.50 -20.66
CA GLN A 116 -0.38 1.74 -19.57
C GLN A 116 0.12 1.30 -18.18
N LEU A 117 0.74 0.14 -18.11
CA LEU A 117 1.37 -0.30 -16.86
C LEU A 117 2.35 0.75 -16.32
N LEU A 118 3.20 1.28 -17.20
CA LEU A 118 4.17 2.27 -16.79
C LEU A 118 3.56 3.63 -16.47
N GLN A 119 2.46 4.01 -17.16
CA GLN A 119 1.77 5.25 -16.79
C GLN A 119 1.25 5.13 -15.35
N GLY A 120 0.58 4.01 -15.05
CA GLY A 120 0.03 3.78 -13.72
C GLY A 120 1.12 3.78 -12.67
N LEU A 121 2.20 3.07 -12.97
CA LEU A 121 3.32 2.94 -12.06
C LEU A 121 4.04 4.25 -11.83
N ALA A 122 4.21 5.06 -12.88
CA ALA A 122 4.85 6.36 -12.75
C ALA A 122 4.08 7.24 -11.77
N PHE A 123 2.76 7.14 -11.83
CA PHE A 123 1.93 7.91 -10.91
C PHE A 123 2.12 7.44 -9.47
N CYS A 124 2.26 6.13 -9.25
CA CYS A 124 2.51 5.60 -7.91
C CYS A 124 3.82 6.12 -7.38
N HIS A 125 4.87 5.99 -8.19
CA HIS A 125 6.20 6.38 -7.78
C HIS A 125 6.30 7.89 -7.54
N GLU A 126 5.59 8.66 -8.33
CA GLU A 126 5.45 10.11 -8.12
C GLU A 126 4.85 10.42 -6.73
N ASN A 127 4.01 9.52 -6.26
CA ASN A 127 3.41 9.64 -4.92
C ASN A 127 4.21 8.92 -3.83
N LYS A 128 5.35 8.42 -4.21
CA LYS A 128 6.23 7.73 -3.31
C LYS A 128 5.66 6.44 -2.76
N ILE A 129 4.88 5.76 -3.57
CA ILE A 129 4.32 4.46 -3.22
C ILE A 129 4.92 3.38 -4.12
N LEU A 130 5.43 2.32 -3.49
CA LEU A 130 5.88 1.11 -4.19
C LEU A 130 4.75 0.09 -4.19
N HIS A 131 4.50 -0.54 -5.33
CA HIS A 131 3.44 -1.54 -5.43
C HIS A 131 3.85 -2.88 -4.79
N ARG A 132 5.03 -3.38 -5.19
CA ARG A 132 5.64 -4.60 -4.61
C ARG A 132 4.95 -5.94 -4.90
N ASP A 133 3.99 -5.96 -5.82
CA ASP A 133 3.45 -7.24 -6.27
C ASP A 133 2.96 -7.17 -7.70
N LEU A 134 3.74 -6.53 -8.55
CA LEU A 134 3.38 -6.47 -9.96
C LEU A 134 3.58 -7.82 -10.60
N LYS A 135 2.52 -8.31 -11.23
CA LYS A 135 2.50 -9.57 -11.94
C LYS A 135 1.23 -9.57 -12.80
N PRO A 136 1.19 -10.43 -13.83
CA PRO A 136 0.07 -10.31 -14.76
C PRO A 136 -1.33 -10.42 -14.09
N GLN A 137 -1.46 -11.22 -13.04
CA GLN A 137 -2.75 -11.39 -12.38
C GLN A 137 -3.25 -10.07 -11.75
N ASN A 138 -2.30 -9.23 -11.35
CA ASN A 138 -2.62 -7.96 -10.71
C ASN A 138 -2.74 -6.80 -11.69
N LEU A 139 -2.76 -7.10 -12.99
CA LEU A 139 -2.94 -6.08 -14.02
C LEU A 139 -4.28 -6.31 -14.68
N LEU A 140 -5.22 -5.41 -14.40
CA LEU A 140 -6.59 -5.63 -14.83
C LEU A 140 -6.84 -4.98 -16.16
N ILE A 141 -7.65 -5.63 -16.97
CA ILE A 141 -7.91 -5.16 -18.32
C ILE A 141 -9.39 -5.23 -18.61
N ASN A 142 -9.91 -4.27 -19.34
CA ASN A 142 -11.30 -4.29 -19.74
C ASN A 142 -11.46 -4.39 -21.26
N LYS A 143 -12.69 -4.36 -21.74
CA LYS A 143 -12.94 -4.57 -23.16
C LYS A 143 -12.23 -3.58 -24.04
N ARG A 144 -12.21 -2.32 -23.61
CA ARG A 144 -11.66 -1.22 -24.37
C ARG A 144 -10.17 -1.27 -24.43
N GLY A 145 -9.58 -2.23 -23.76
CA GLY A 145 -8.16 -2.37 -23.75
C GLY A 145 -7.51 -1.51 -22.70
N GLN A 146 -8.27 -0.99 -21.78
CA GLN A 146 -7.70 -0.28 -20.66
C GLN A 146 -7.02 -1.24 -19.71
N LEU A 147 -5.83 -0.91 -19.29
CA LEU A 147 -5.10 -1.69 -18.31
C LEU A 147 -4.92 -0.86 -17.05
N LYS A 148 -5.23 -1.46 -15.89
CA LYS A 148 -5.07 -0.75 -14.64
C LYS A 148 -4.39 -1.61 -13.60
N LEU A 149 -3.49 -1.01 -12.83
CA LEU A 149 -2.82 -1.70 -11.74
C LEU A 149 -3.84 -1.99 -10.67
N GLY A 150 -3.83 -3.21 -10.15
CA GLY A 150 -4.71 -3.57 -9.05
C GLY A 150 -3.93 -4.23 -7.93
N ASP A 151 -4.65 -4.53 -6.85
CA ASP A 151 -4.12 -5.20 -5.66
C ASP A 151 -2.92 -4.54 -5.00
N PHE A 152 -3.19 -3.45 -4.30
CA PHE A 152 -2.16 -2.70 -3.59
C PHE A 152 -2.00 -3.18 -2.15
N GLY A 153 -2.32 -4.44 -1.90
CA GLY A 153 -2.24 -5.00 -0.56
C GLY A 153 -0.84 -4.98 0.02
N LEU A 154 0.17 -5.10 -0.83
CA LEU A 154 1.56 -5.11 -0.38
C LEU A 154 2.26 -3.77 -0.56
N ALA A 155 1.51 -2.75 -0.99
CA ALA A 155 2.10 -1.44 -1.29
C ALA A 155 2.66 -0.73 -0.06
N ARG A 156 3.67 0.09 -0.27
CA ARG A 156 4.38 0.68 0.85
C ARG A 156 4.99 2.01 0.47
N ALA A 157 4.89 2.99 1.35
CA ALA A 157 5.46 4.31 1.10
C ALA A 157 6.97 4.22 1.28
N PHE A 158 7.73 4.88 0.42
CA PHE A 158 9.18 4.91 0.62
C PHE A 158 9.67 6.29 1.02
N GLY A 159 10.86 6.32 1.60
CA GLY A 159 11.41 7.53 2.17
C GLY A 159 10.92 7.74 3.59
N ILE A 160 10.51 6.66 4.23
CA ILE A 160 9.90 6.73 5.57
C ILE A 160 10.56 5.77 6.57
N PRO A 161 11.08 6.32 7.67
CA PRO A 161 11.73 5.61 8.77
C PRO A 161 10.97 4.36 9.25
N VAL A 162 11.39 3.19 8.79
CA VAL A 162 10.75 1.94 9.18
C VAL A 162 11.67 1.10 10.06
N ASN A 163 11.08 0.17 10.80
CA ASN A 163 11.82 -0.73 11.68
C ASN A 163 11.92 -2.13 11.08
N THR A 164 11.00 -2.47 10.20
CA THR A 164 10.93 -3.82 9.65
C THR A 164 10.95 -3.82 8.13
N PHE A 165 11.38 -4.93 7.56
CA PHE A 165 11.48 -5.10 6.11
C PHE A 165 11.22 -6.54 5.72
N SER A 166 10.45 -6.72 4.66
CA SER A 166 10.25 -8.04 4.10
C SER A 166 10.95 -8.11 2.75
N SER A 167 12.00 -8.91 2.67
CA SER A 167 12.61 -9.19 1.37
C SER A 167 11.77 -10.28 0.71
N GLU A 168 10.72 -10.68 1.43
CA GLU A 168 9.81 -11.72 0.97
C GLU A 168 8.61 -11.13 0.23
N VAL A 169 8.74 -9.90 -0.24
CA VAL A 169 7.67 -9.29 -1.03
C VAL A 169 7.86 -9.57 -2.51
N VAL A 170 6.79 -9.36 -3.27
CA VAL A 170 6.77 -9.65 -4.69
C VAL A 170 6.71 -11.15 -4.88
N THR A 171 5.81 -11.57 -5.74
CA THR A 171 5.69 -12.96 -6.14
C THR A 171 7.03 -13.40 -6.76
N LEU A 172 7.47 -14.60 -6.38
CA LEU A 172 8.86 -15.03 -6.58
C LEU A 172 9.37 -14.81 -8.00
N TRP A 173 8.56 -15.20 -8.98
CA TRP A 173 8.93 -15.11 -10.39
C TRP A 173 9.27 -13.69 -10.81
N TYR A 174 8.72 -12.72 -10.10
CA TYR A 174 8.81 -11.31 -10.50
C TYR A 174 9.68 -10.52 -9.53
N ARG A 175 10.38 -11.24 -8.65
CA ARG A 175 11.14 -10.61 -7.59
C ARG A 175 12.58 -10.31 -8.01
N ALA A 176 13.06 -9.10 -7.73
CA ALA A 176 14.37 -8.64 -8.19
C ALA A 176 15.55 -9.35 -7.50
N PRO A 177 16.68 -9.53 -8.21
CA PRO A 177 17.83 -10.27 -7.66
C PRO A 177 18.45 -9.61 -6.42
N ASP A 178 18.50 -8.29 -6.38
CA ASP A 178 19.01 -7.60 -5.20
C ASP A 178 18.13 -7.91 -3.98
N VAL A 179 16.83 -8.08 -4.22
CA VAL A 179 15.89 -8.39 -3.14
C VAL A 179 16.07 -9.85 -2.70
N LEU A 180 16.08 -10.75 -3.67
CA LEU A 180 16.39 -12.15 -3.40
C LEU A 180 17.71 -12.33 -2.66
N MET A 181 18.62 -11.38 -2.84
CA MET A 181 19.92 -11.44 -2.17
C MET A 181 19.92 -10.68 -0.84
N GLY A 182 18.73 -10.34 -0.35
CA GLY A 182 18.57 -9.79 0.98
C GLY A 182 18.58 -8.29 1.12
N SER A 183 18.32 -7.56 0.03
CA SER A 183 18.32 -6.10 0.13
C SER A 183 17.10 -5.62 0.91
N ARG A 184 17.35 -4.81 1.92
CA ARG A 184 16.26 -4.17 2.66
C ARG A 184 16.32 -2.67 2.43
N THR A 185 16.69 -2.27 1.22
CA THR A 185 16.85 -0.86 0.88
C THR A 185 16.50 -0.55 -0.57
N TYR A 186 15.72 -1.43 -1.22
CA TYR A 186 15.22 -1.15 -2.56
C TYR A 186 14.18 -0.02 -2.52
N SER A 187 14.11 0.76 -3.58
CA SER A 187 12.96 1.65 -3.70
C SER A 187 12.23 1.30 -4.97
N THR A 188 12.05 2.29 -5.84
CA THR A 188 11.28 2.15 -7.06
C THR A 188 11.77 1.04 -7.98
N SER A 189 13.06 0.70 -7.88
CA SER A 189 13.67 -0.31 -8.74
C SER A 189 12.99 -1.67 -8.60
N ILE A 190 12.42 -1.95 -7.42
CA ILE A 190 11.75 -3.23 -7.23
C ILE A 190 10.61 -3.46 -8.23
N ASP A 191 9.81 -2.44 -8.49
CA ASP A 191 8.69 -2.57 -9.44
C ASP A 191 9.16 -2.59 -10.87
N ILE A 192 10.23 -1.88 -11.14
CA ILE A 192 10.76 -1.81 -12.51
C ILE A 192 11.26 -3.20 -12.95
N TRP A 193 11.94 -3.91 -12.08
CA TRP A 193 12.31 -5.30 -12.38
C TRP A 193 11.09 -6.12 -12.76
N SER A 194 10.05 -6.09 -11.91
CA SER A 194 8.81 -6.79 -12.24
C SER A 194 8.26 -6.39 -13.61
N CYS A 195 8.29 -5.10 -13.93
CA CYS A 195 7.82 -4.65 -15.25
C CYS A 195 8.60 -5.29 -16.39
N GLY A 196 9.91 -5.47 -16.21
CA GLY A 196 10.71 -6.15 -17.22
C GLY A 196 10.27 -7.58 -17.40
N CYS A 197 10.04 -8.30 -16.30
CA CYS A 197 9.59 -9.68 -16.37
C CYS A 197 8.22 -9.81 -17.04
N ILE A 198 7.33 -8.86 -16.75
CA ILE A 198 6.00 -8.84 -17.38
C ILE A 198 6.09 -8.62 -18.89
N LEU A 199 6.93 -7.68 -19.31
CA LEU A 199 7.14 -7.42 -20.73
C LEU A 199 7.61 -8.68 -21.45
N ALA A 200 8.62 -9.35 -20.90
CA ALA A 200 9.11 -10.60 -21.49
C ALA A 200 8.01 -11.64 -21.57
N GLU A 201 7.22 -11.77 -20.51
CA GLU A 201 6.14 -12.75 -20.46
C GLU A 201 5.04 -12.45 -21.49
N MET A 202 4.77 -11.17 -21.74
CA MET A 202 3.82 -10.81 -22.78
C MET A 202 4.33 -11.21 -24.16
N ILE A 203 5.63 -11.06 -24.37
CA ILE A 203 6.22 -11.37 -25.67
C ILE A 203 6.19 -12.86 -25.98
N THR A 204 6.57 -13.67 -25.00
CA THR A 204 6.77 -15.09 -25.27
C THR A 204 5.59 -15.94 -24.85
N GLY A 205 4.86 -15.47 -23.84
CA GLY A 205 3.73 -16.21 -23.29
C GLY A 205 4.14 -17.05 -22.09
N LYS A 206 5.40 -16.95 -21.70
CA LYS A 206 5.90 -17.76 -20.60
C LYS A 206 6.63 -16.89 -19.60
N PRO A 207 6.55 -17.26 -18.32
CA PRO A 207 7.27 -16.53 -17.27
C PRO A 207 8.75 -16.55 -17.60
N LEU A 208 9.42 -15.40 -17.46
CA LEU A 208 10.82 -15.30 -17.84
C LEU A 208 11.70 -16.13 -16.90
N PHE A 209 11.42 -16.06 -15.61
CA PHE A 209 12.17 -16.77 -14.58
C PHE A 209 11.24 -17.52 -13.63
N PRO A 210 10.90 -18.77 -13.95
CA PRO A 210 9.92 -19.57 -13.18
C PRO A 210 10.56 -20.37 -12.04
N GLY A 211 11.18 -19.68 -11.09
CA GLY A 211 11.81 -20.35 -9.97
C GLY A 211 10.82 -21.11 -9.09
N THR A 212 11.32 -22.10 -8.37
CA THR A 212 10.50 -22.85 -7.42
C THR A 212 10.89 -22.46 -6.00
N ASN A 213 12.07 -21.86 -5.85
CA ASN A 213 12.50 -21.37 -4.55
C ASN A 213 13.52 -20.25 -4.72
N ASP A 214 13.97 -19.66 -3.62
CA ASP A 214 14.87 -18.51 -3.69
C ASP A 214 16.15 -18.78 -4.48
N GLU A 215 16.78 -19.92 -4.21
CA GLU A 215 18.03 -20.26 -4.88
C GLU A 215 17.82 -20.51 -6.37
N GLU A 216 16.82 -21.29 -6.73
CA GLU A 216 16.55 -21.52 -8.14
C GLU A 216 16.19 -20.23 -8.87
N GLN A 217 15.54 -19.30 -8.19
CA GLN A 217 15.18 -18.04 -8.84
C GLN A 217 16.42 -17.27 -9.29
N LEU A 218 17.37 -17.06 -8.39
CA LEU A 218 18.62 -16.38 -8.74
C LEU A 218 19.40 -17.14 -9.81
N LYS A 219 19.42 -18.46 -9.70
CA LYS A 219 20.13 -19.27 -10.70
C LYS A 219 19.55 -19.00 -12.08
N LEU A 220 18.23 -19.01 -12.18
CA LEU A 220 17.58 -18.74 -13.46
C LEU A 220 17.85 -17.32 -13.95
N ILE A 221 17.91 -16.36 -13.02
CA ILE A 221 18.18 -14.96 -13.40
C ILE A 221 19.62 -14.83 -13.93
N PHE A 222 20.58 -15.34 -13.18
CA PHE A 222 21.98 -15.25 -13.58
C PHE A 222 22.26 -16.02 -14.87
N ASP A 223 21.54 -17.13 -15.10
CA ASP A 223 21.69 -17.90 -16.34
C ASP A 223 21.46 -17.04 -17.58
N ILE A 224 20.50 -16.13 -17.49
CA ILE A 224 20.15 -15.29 -18.63
C ILE A 224 20.88 -13.95 -18.59
N MET A 225 20.89 -13.32 -17.42
CA MET A 225 21.45 -11.97 -17.27
C MET A 225 22.93 -11.98 -16.91
N GLY A 226 23.48 -13.17 -16.66
CA GLY A 226 24.85 -13.27 -16.17
C GLY A 226 24.93 -13.10 -14.66
N THR A 227 26.07 -13.47 -14.09
CA THR A 227 26.30 -13.31 -12.66
C THR A 227 26.64 -11.86 -12.34
N PRO A 228 26.36 -11.43 -11.10
CA PRO A 228 26.67 -10.05 -10.74
C PRO A 228 28.14 -9.74 -11.00
N ASN A 229 28.40 -8.64 -11.70
CA ASN A 229 29.76 -8.19 -11.97
C ASN A 229 30.11 -7.06 -11.00
N GLU A 230 31.01 -7.35 -10.06
CA GLU A 230 31.31 -6.41 -8.97
C GLU A 230 31.86 -5.07 -9.44
N SER A 231 32.34 -5.03 -10.68
CA SER A 231 32.85 -3.79 -11.23
C SER A 231 31.72 -2.89 -11.73
N LEU A 232 30.63 -3.51 -12.17
CA LEU A 232 29.45 -2.79 -12.65
C LEU A 232 28.44 -2.59 -11.54
N TRP A 233 28.70 -3.21 -10.40
CA TRP A 233 27.74 -3.19 -9.30
C TRP A 233 28.47 -3.34 -7.97
N PRO A 234 29.33 -2.35 -7.63
CA PRO A 234 30.12 -2.37 -6.40
C PRO A 234 29.28 -2.62 -5.14
N SER A 235 28.08 -2.06 -5.09
CA SER A 235 27.27 -2.16 -3.89
C SER A 235 26.79 -3.59 -3.61
N VAL A 236 26.99 -4.49 -4.57
CA VAL A 236 26.50 -5.86 -4.44
C VAL A 236 27.13 -6.55 -3.22
N THR A 237 28.29 -6.06 -2.81
CA THR A 237 29.01 -6.65 -1.67
C THR A 237 28.32 -6.37 -0.34
N LYS A 238 27.30 -5.50 -0.35
CA LYS A 238 26.62 -5.13 0.88
C LYS A 238 25.41 -6.01 1.13
N LEU A 239 25.05 -6.81 0.13
CA LEU A 239 23.94 -7.73 0.27
C LEU A 239 24.38 -8.99 1.03
N PRO A 240 23.53 -9.47 1.95
CA PRO A 240 23.84 -10.60 2.85
C PRO A 240 24.01 -11.94 2.12
N LYS A 241 23.22 -12.19 1.08
CA LYS A 241 23.24 -13.49 0.41
C LYS A 241 24.03 -13.44 -0.89
N TYR A 242 24.81 -12.38 -1.07
CA TYR A 242 25.68 -12.29 -2.22
C TYR A 242 26.89 -13.18 -2.02
N ASN A 243 27.23 -13.94 -3.06
CA ASN A 243 28.32 -14.91 -2.99
C ASN A 243 29.36 -14.63 -4.07
N PRO A 244 30.51 -14.06 -3.68
CA PRO A 244 31.56 -13.69 -4.63
C PRO A 244 32.27 -14.90 -5.25
N ASN A 245 32.01 -16.09 -4.72
CA ASN A 245 32.79 -17.28 -5.09
C ASN A 245 32.06 -18.16 -6.11
N ILE A 246 30.89 -17.72 -6.55
CA ILE A 246 30.20 -18.43 -7.62
C ILE A 246 31.00 -18.23 -8.90
N GLN A 247 30.89 -19.18 -9.83
CA GLN A 247 31.60 -19.06 -11.09
C GLN A 247 30.92 -17.99 -11.92
N GLN A 248 31.71 -17.18 -12.62
CA GLN A 248 31.12 -16.13 -13.44
C GLN A 248 30.42 -16.73 -14.65
N ARG A 249 29.40 -16.03 -15.12
CA ARG A 249 28.70 -16.39 -16.34
C ARG A 249 28.41 -15.07 -17.03
N PRO A 250 28.63 -15.02 -18.36
CA PRO A 250 28.37 -13.80 -19.11
C PRO A 250 26.87 -13.72 -19.34
N PRO A 251 26.35 -12.53 -19.68
CA PRO A 251 24.93 -12.45 -20.04
C PRO A 251 24.66 -13.25 -21.29
N ARG A 252 23.44 -13.74 -21.44
CA ARG A 252 23.05 -14.35 -22.70
C ARG A 252 22.47 -13.29 -23.62
N ASP A 253 22.37 -13.64 -24.91
CA ASP A 253 21.77 -12.76 -25.90
C ASP A 253 20.28 -12.77 -25.67
N LEU A 254 19.73 -11.65 -25.19
CA LEU A 254 18.34 -11.62 -24.75
C LEU A 254 17.38 -11.94 -25.89
N ARG A 255 17.66 -11.43 -27.08
CA ARG A 255 16.82 -11.74 -28.23
C ARG A 255 16.78 -13.22 -28.57
N GLN A 256 17.95 -13.87 -28.61
CA GLN A 256 17.99 -15.29 -28.94
C GLN A 256 17.25 -16.10 -27.89
N VAL A 257 17.23 -15.61 -26.66
CA VAL A 257 16.45 -16.24 -25.61
C VAL A 257 14.93 -16.13 -25.83
N LEU A 258 14.47 -14.98 -26.32
CA LEU A 258 13.03 -14.74 -26.48
C LEU A 258 12.46 -15.13 -27.85
N GLN A 259 13.19 -14.80 -28.92
CA GLN A 259 12.70 -14.96 -30.30
C GLN A 259 12.06 -16.33 -30.64
N PRO A 260 12.70 -17.42 -30.24
CA PRO A 260 12.12 -18.73 -30.53
C PRO A 260 10.64 -18.86 -30.11
N HIS A 261 10.19 -18.05 -29.16
CA HIS A 261 8.86 -18.26 -28.59
C HIS A 261 7.78 -17.38 -29.18
N THR A 262 8.14 -16.56 -30.17
CA THR A 262 7.14 -15.75 -30.87
C THR A 262 7.46 -15.60 -32.35
N LYS A 263 6.42 -15.62 -33.18
CA LYS A 263 6.58 -15.46 -34.62
C LYS A 263 6.85 -14.00 -34.97
N GLU A 264 6.80 -13.14 -33.95
CA GLU A 264 6.94 -11.70 -34.14
C GLU A 264 8.39 -11.25 -34.03
N PRO A 265 8.84 -10.41 -34.97
CA PRO A 265 10.21 -9.89 -34.98
C PRO A 265 10.50 -8.97 -33.81
N LEU A 266 11.50 -9.29 -33.01
CA LEU A 266 11.86 -8.47 -31.86
C LEU A 266 12.95 -7.48 -32.25
N ASP A 267 12.58 -6.22 -32.43
CA ASP A 267 13.51 -5.21 -32.94
C ASP A 267 14.47 -4.66 -31.89
N GLY A 268 15.41 -3.84 -32.35
CA GLY A 268 16.43 -3.27 -31.50
C GLY A 268 15.90 -2.31 -30.45
N ASN A 269 14.84 -1.58 -30.78
CA ASN A 269 14.19 -0.64 -29.86
C ASN A 269 13.56 -1.38 -28.69
N LEU A 270 12.82 -2.43 -29.02
CA LEU A 270 12.20 -3.29 -28.02
C LEU A 270 13.24 -3.96 -27.13
N MET A 271 14.28 -4.54 -27.74
CA MET A 271 15.30 -5.22 -26.94
C MET A 271 16.09 -4.23 -26.09
N ASP A 272 16.34 -3.03 -26.60
CA ASP A 272 16.99 -2.02 -25.79
C ASP A 272 16.17 -1.71 -24.53
N PHE A 273 14.91 -1.36 -24.76
CA PHE A 273 13.94 -1.12 -23.68
C PHE A 273 13.99 -2.19 -22.60
N LEU A 274 13.82 -3.45 -23.01
CA LEU A 274 13.87 -4.57 -22.08
C LEU A 274 15.15 -4.60 -21.25
N HIS A 275 16.31 -4.36 -21.90
CA HIS A 275 17.58 -4.28 -21.17
C HIS A 275 17.61 -3.14 -20.17
N GLY A 276 16.91 -2.06 -20.46
CA GLY A 276 16.80 -0.96 -19.52
C GLY A 276 16.04 -1.32 -18.23
N LEU A 277 15.04 -2.18 -18.34
CA LEU A 277 14.23 -2.59 -17.20
C LEU A 277 14.89 -3.71 -16.38
N LEU A 278 15.59 -4.61 -17.07
CA LEU A 278 16.11 -5.80 -16.43
C LEU A 278 17.60 -5.73 -16.08
N GLN A 279 18.08 -4.60 -15.57
CA GLN A 279 19.44 -4.53 -15.10
C GLN A 279 19.54 -5.18 -13.74
N LEU A 280 20.61 -5.92 -13.50
CA LEU A 280 20.80 -6.56 -12.21
C LEU A 280 21.01 -5.50 -11.14
N ASN A 281 21.85 -4.51 -11.43
CA ASN A 281 22.09 -3.44 -10.48
C ASN A 281 20.86 -2.53 -10.45
N PRO A 282 20.15 -2.48 -9.30
CA PRO A 282 18.87 -1.75 -9.22
C PRO A 282 19.04 -0.27 -9.59
N ASP A 283 20.20 0.31 -9.25
CA ASP A 283 20.49 1.70 -9.56
C ASP A 283 20.48 2.01 -11.06
N MET A 284 20.70 0.99 -11.90
CA MET A 284 20.80 1.16 -13.34
C MET A 284 19.50 0.90 -14.08
N ARG A 285 18.47 0.47 -13.37
CA ARG A 285 17.18 0.29 -14.01
C ARG A 285 16.58 1.66 -14.37
N LEU A 286 15.86 1.71 -15.48
CA LEU A 286 15.13 2.91 -15.87
C LEU A 286 14.10 3.21 -14.79
N SER A 287 13.83 4.48 -14.54
CA SER A 287 12.65 4.88 -13.78
C SER A 287 11.45 4.72 -14.70
N ALA A 288 10.25 4.66 -14.12
CA ALA A 288 9.03 4.53 -14.91
C ALA A 288 8.89 5.73 -15.85
N LYS A 289 9.24 6.91 -15.36
CA LYS A 289 9.21 8.13 -16.16
C LYS A 289 10.16 8.08 -17.35
N GLN A 290 11.41 7.68 -17.12
CA GLN A 290 12.37 7.50 -18.21
C GLN A 290 11.85 6.51 -19.24
N ALA A 291 11.33 5.39 -18.75
CA ALA A 291 10.88 4.32 -19.61
C ALA A 291 9.77 4.78 -20.54
N LEU A 292 8.90 5.66 -20.02
CA LEU A 292 7.78 6.17 -20.80
C LEU A 292 8.25 6.99 -22.00
N HIS A 293 9.46 7.52 -21.90
CA HIS A 293 10.00 8.38 -22.95
C HIS A 293 11.09 7.70 -23.76
N HIS A 294 11.15 6.38 -23.64
CA HIS A 294 12.04 5.57 -24.47
C HIS A 294 11.54 5.54 -25.92
N PRO A 295 12.48 5.44 -26.89
CA PRO A 295 12.14 5.49 -28.31
C PRO A 295 11.09 4.47 -28.74
N TRP A 296 11.07 3.30 -28.10
CA TRP A 296 10.06 2.31 -28.42
C TRP A 296 8.64 2.88 -28.31
N PHE A 297 8.45 3.89 -27.46
CA PHE A 297 7.12 4.45 -27.26
C PHE A 297 6.91 5.68 -28.14
N ALA A 298 7.87 5.92 -29.04
CA ALA A 298 7.87 7.13 -29.87
C ALA A 298 6.50 7.44 -30.52
N GLU A 299 5.92 6.44 -31.16
CA GLU A 299 4.69 6.63 -31.93
C GLU A 299 3.55 7.24 -31.12
N TYR A 300 3.52 6.98 -29.83
CA TYR A 300 2.41 7.39 -28.99
C TYR A 300 2.35 8.90 -28.75
N TYR A 301 3.40 9.61 -29.19
CA TYR A 301 3.50 11.03 -28.95
C TYR A 301 3.02 11.87 -30.14
N SER B 17 -7.35 16.44 -4.99
CA SER B 17 -6.85 17.42 -4.03
C SER B 17 -6.43 16.77 -2.72
N GLU B 18 -5.45 17.37 -2.05
CA GLU B 18 -4.87 16.85 -0.83
C GLU B 18 -5.86 16.84 0.35
N ASN B 19 -5.46 16.18 1.43
CA ASN B 19 -6.23 16.25 2.65
C ASN B 19 -6.15 17.72 3.09
N PRO B 20 -7.32 18.38 3.22
CA PRO B 20 -7.41 19.80 3.58
C PRO B 20 -6.56 20.17 4.79
N LEU B 21 -6.30 19.19 5.66
CA LEU B 21 -5.47 19.41 6.83
C LEU B 21 -4.03 19.72 6.43
N LEU B 22 -3.70 19.46 5.17
CA LEU B 22 -2.34 19.71 4.68
C LEU B 22 -2.19 21.07 3.99
N HIS B 23 -3.29 21.80 3.84
CA HIS B 23 -3.22 23.09 3.15
C HIS B 23 -2.17 23.95 3.82
N GLY B 24 -1.22 24.44 3.02
CA GLY B 24 -0.15 25.29 3.52
C GLY B 24 1.17 24.59 3.77
N ILE B 25 1.15 23.26 3.76
CA ILE B 25 2.38 22.49 4.02
C ILE B 25 3.12 22.17 2.72
N PRO B 26 4.38 22.62 2.60
CA PRO B 26 5.19 22.45 1.39
C PRO B 26 5.22 21.00 0.94
N VAL B 27 5.07 20.76 -0.36
CA VAL B 27 5.00 19.40 -0.88
C VAL B 27 6.33 18.67 -0.70
N ASP B 28 7.40 19.43 -0.55
CA ASP B 28 8.72 18.83 -0.37
C ASP B 28 9.20 18.90 1.09
N VAL B 29 8.28 19.05 2.03
CA VAL B 29 8.63 19.11 3.45
C VAL B 29 9.42 17.86 3.86
N GLU B 30 10.29 18.01 4.84
CA GLU B 30 11.16 16.90 5.25
C GLU B 30 10.59 16.17 6.46
N VAL B 31 10.79 14.85 6.50
CA VAL B 31 10.38 14.06 7.66
C VAL B 31 10.94 14.74 8.91
N PRO B 32 10.06 15.01 9.88
CA PRO B 32 10.45 15.70 11.11
C PRO B 32 11.51 14.90 11.87
N HIS B 33 12.59 15.57 12.27
CA HIS B 33 13.60 14.91 13.09
C HIS B 33 13.08 14.85 14.52
N ILE B 34 12.08 14.03 14.75
CA ILE B 34 11.41 13.97 16.04
C ILE B 34 11.73 12.68 16.81
N SER B 35 11.89 12.86 18.12
CA SER B 35 12.20 11.75 19.02
C SER B 35 10.96 11.01 19.49
N VAL B 36 11.14 9.75 19.87
CA VAL B 36 10.06 8.94 20.40
C VAL B 36 9.34 9.65 21.54
N ASP B 37 10.08 10.26 22.46
CA ASP B 37 9.46 10.95 23.58
C ASP B 37 8.64 12.16 23.13
N GLU B 38 9.15 12.89 22.15
CA GLU B 38 8.40 14.03 21.62
C GLU B 38 7.19 13.54 20.80
N ALA B 39 7.40 12.54 19.96
CA ALA B 39 6.29 11.89 19.24
C ALA B 39 5.16 11.52 20.20
N LEU B 40 5.53 10.86 21.30
CA LEU B 40 4.57 10.46 22.33
C LEU B 40 3.87 11.65 22.99
N ALA B 41 4.64 12.69 23.27
CA ALA B 41 4.09 13.91 23.87
C ALA B 41 3.13 14.64 22.93
N ASN B 42 3.47 14.74 21.66
CA ASN B 42 2.60 15.40 20.68
C ASN B 42 1.29 14.64 20.54
N PHE B 43 1.36 13.33 20.63
CA PHE B 43 0.20 12.45 20.53
C PHE B 43 -0.74 12.76 21.70
N LYS B 44 -0.21 12.66 22.92
CA LYS B 44 -0.98 12.98 24.12
C LYS B 44 -1.55 14.39 24.10
N GLU B 45 -0.74 15.36 23.70
CA GLU B 45 -1.18 16.76 23.74
C GLU B 45 -2.28 17.05 22.71
N THR B 46 -2.21 16.37 21.56
CA THR B 46 -3.26 16.47 20.55
C THR B 46 -4.58 16.00 21.13
N ILE B 47 -4.53 14.87 21.83
CA ILE B 47 -5.72 14.35 22.50
C ILE B 47 -6.26 15.36 23.52
N GLU B 48 -5.38 15.91 24.35
CA GLU B 48 -5.82 16.88 25.35
C GLU B 48 -6.49 18.09 24.72
N LEU B 49 -5.95 18.59 23.59
CA LEU B 49 -6.55 19.75 22.94
C LEU B 49 -7.87 19.44 22.25
N LEU B 50 -7.98 18.27 21.65
CA LEU B 50 -9.25 17.86 21.07
C LEU B 50 -10.32 17.78 22.17
N LEU B 51 -9.94 17.24 23.32
CA LEU B 51 -10.84 17.16 24.46
C LEU B 51 -11.30 18.57 24.85
N LYS B 52 -10.35 19.50 24.94
CA LYS B 52 -10.67 20.90 25.23
C LYS B 52 -11.67 21.49 24.22
N LEU B 53 -11.35 21.37 22.93
CA LEU B 53 -12.22 21.88 21.87
C LEU B 53 -13.62 21.27 21.92
N SER B 54 -13.71 20.01 22.33
CA SER B 54 -14.97 19.28 22.25
C SER B 54 -15.99 19.78 23.28
N GLY B 55 -15.50 20.45 24.32
CA GLY B 55 -16.38 20.96 25.37
C GLY B 55 -17.05 22.27 25.03
N ASN B 56 -16.57 22.95 24.00
CA ASN B 56 -17.15 24.20 23.56
C ASN B 56 -18.23 23.99 22.51
N ARG B 57 -18.04 22.97 21.68
CA ARG B 57 -18.80 22.80 20.45
C ARG B 57 -19.91 21.77 20.58
N LYS B 58 -20.93 21.91 19.74
CA LYS B 58 -21.87 20.83 19.48
C LYS B 58 -21.73 20.46 18.00
N CYS B 59 -21.10 19.32 17.73
CA CYS B 59 -20.60 19.01 16.38
C CYS B 59 -21.62 18.40 15.43
N THR B 60 -21.33 18.57 14.14
CA THR B 60 -22.23 18.11 13.07
C THR B 60 -22.20 16.59 12.93
N GLY B 61 -21.21 15.96 13.54
CA GLY B 61 -21.15 14.51 13.60
C GLY B 61 -20.94 13.83 12.27
N PHE B 62 -21.28 12.53 12.22
CA PHE B 62 -20.99 11.70 11.06
C PHE B 62 -22.00 11.87 9.93
N ASN B 63 -21.56 11.51 8.72
CA ASN B 63 -22.41 11.55 7.54
C ASN B 63 -23.39 10.37 7.48
N THR B 64 -23.10 9.33 8.25
CA THR B 64 -23.91 8.11 8.22
C THR B 64 -24.12 7.52 9.61
N ARG B 65 -25.08 6.61 9.72
CA ARG B 65 -25.32 5.88 10.96
C ARG B 65 -24.25 4.81 11.14
N VAL B 66 -23.81 4.24 10.02
CA VAL B 66 -22.70 3.29 10.02
C VAL B 66 -21.54 3.80 10.87
N GLU B 67 -21.08 5.00 10.55
CA GLU B 67 -19.94 5.58 11.23
C GLU B 67 -20.26 5.84 12.69
N LYS B 68 -21.49 6.23 12.97
CA LYS B 68 -21.89 6.46 14.36
C LYS B 68 -21.82 5.16 15.17
N LYS B 69 -22.28 4.06 14.57
CA LYS B 69 -22.25 2.77 15.25
C LYS B 69 -20.81 2.29 15.47
N GLU B 70 -19.96 2.41 14.46
CA GLU B 70 -18.54 2.08 14.64
C GLU B 70 -17.92 2.92 15.77
N TYR B 71 -18.18 4.23 15.73
CA TYR B 71 -17.59 5.13 16.69
C TYR B 71 -17.97 4.81 18.15
N SER B 72 -19.20 4.37 18.39
CA SER B 72 -19.64 4.01 19.74
C SER B 72 -18.80 2.89 20.38
N ASN B 73 -18.09 2.12 19.56
CA ASN B 73 -17.19 1.09 20.08
C ASN B 73 -16.06 1.68 20.95
N PHE B 74 -15.76 2.95 20.79
CA PHE B 74 -14.67 3.57 21.54
C PHE B 74 -15.04 3.90 22.98
N TYR B 75 -16.32 4.03 23.27
CA TYR B 75 -16.78 4.41 24.62
C TYR B 75 -16.48 3.32 25.65
N MET B 76 -15.66 3.66 26.63
CA MET B 76 -15.29 2.73 27.69
C MET B 76 -15.99 3.13 28.99
N LYS B 77 -16.88 2.27 29.48
CA LYS B 77 -17.67 2.55 30.68
C LYS B 77 -16.81 2.89 31.89
N SER B 78 -15.89 2.00 32.23
CA SER B 78 -15.07 2.17 33.43
C SER B 78 -13.82 2.99 33.21
N LYS B 79 -13.34 3.63 34.27
CA LYS B 79 -12.08 4.36 34.22
C LYS B 79 -10.92 3.40 34.01
N PRO B 80 -10.02 3.74 33.07
CA PRO B 80 -8.87 2.89 32.77
C PRO B 80 -7.99 2.73 34.00
N THR B 81 -7.29 1.61 34.10
CA THR B 81 -6.33 1.40 35.17
C THR B 81 -5.17 2.40 35.09
N LEU B 82 -4.74 2.71 33.86
CA LEU B 82 -3.64 3.64 33.67
C LEU B 82 -4.11 4.93 32.99
N SER B 83 -3.46 6.05 33.32
CA SER B 83 -3.74 7.32 32.64
C SER B 83 -3.30 7.19 31.19
N SER B 84 -3.69 8.16 30.36
CA SER B 84 -3.23 8.16 28.96
C SER B 84 -1.71 8.14 28.84
N ALA B 85 -1.04 8.98 29.64
CA ALA B 85 0.41 9.08 29.56
C ALA B 85 1.08 7.78 29.97
N ASP B 86 0.59 7.17 31.05
CA ASP B 86 1.18 5.93 31.54
C ASP B 86 0.87 4.74 30.61
N PHE B 87 -0.31 4.77 30.00
CA PHE B 87 -0.72 3.71 29.08
C PHE B 87 0.21 3.74 27.87
N LEU B 88 0.49 4.95 27.39
CA LEU B 88 1.40 5.13 26.28
C LEU B 88 2.82 4.68 26.63
N LYS B 89 3.24 4.92 27.87
CA LYS B 89 4.54 4.44 28.34
C LYS B 89 4.57 2.92 28.31
N ARG B 90 3.51 2.30 28.82
CA ARG B 90 3.42 0.85 28.82
C ARG B 90 3.50 0.26 27.41
N ILE B 91 2.79 0.87 26.47
CA ILE B 91 2.79 0.40 25.08
C ILE B 91 4.20 0.50 24.48
N GLN B 92 4.86 1.63 24.67
CA GLN B 92 6.19 1.82 24.10
C GLN B 92 7.25 0.96 24.79
N ASP B 93 7.11 0.76 26.10
CA ASP B 93 8.01 -0.11 26.85
C ASP B 93 7.96 -1.54 26.34
N LYS B 94 6.74 -1.97 26.00
CA LYS B 94 6.49 -3.33 25.54
C LYS B 94 6.73 -3.52 24.04
N CYS B 95 6.55 -2.47 23.25
CA CYS B 95 6.57 -2.62 21.80
C CYS B 95 7.78 -2.00 21.12
N GLU B 96 8.37 -0.98 21.74
CA GLU B 96 9.57 -0.35 21.18
C GLU B 96 9.39 0.08 19.71
N TYR B 97 8.42 0.93 19.47
CA TYR B 97 8.16 1.44 18.12
C TYR B 97 9.01 2.65 17.80
N GLN B 98 9.18 2.90 16.50
CA GLN B 98 9.81 4.11 15.98
C GLN B 98 8.88 5.29 16.18
N PRO B 99 9.44 6.51 16.18
CA PRO B 99 8.61 7.71 16.35
C PRO B 99 7.56 7.84 15.25
N THR B 100 7.85 7.32 14.06
CA THR B 100 6.94 7.35 12.94
C THR B 100 5.57 6.74 13.27
N VAL B 101 5.57 5.74 14.15
CA VAL B 101 4.34 5.06 14.51
C VAL B 101 3.37 6.02 15.21
N TYR B 102 3.91 6.84 16.12
CA TYR B 102 3.10 7.78 16.86
C TYR B 102 2.73 9.03 16.04
N LEU B 103 3.60 9.41 15.11
CA LEU B 103 3.26 10.53 14.23
C LEU B 103 2.07 10.16 13.35
N VAL B 104 2.09 8.95 12.80
CA VAL B 104 0.96 8.47 12.00
C VAL B 104 -0.28 8.30 12.88
N ALA B 105 -0.09 7.78 14.09
CA ALA B 105 -1.20 7.65 15.04
C ALA B 105 -1.84 9.00 15.30
N THR B 106 -0.99 10.00 15.46
CA THR B 106 -1.49 11.35 15.72
C THR B 106 -2.27 11.87 14.51
N PHE B 107 -1.76 11.63 13.32
CA PHE B 107 -2.47 12.09 12.13
C PHE B 107 -3.80 11.39 11.95
N LEU B 108 -3.90 10.13 12.35
CA LEU B 108 -5.17 9.41 12.27
C LEU B 108 -6.24 10.08 13.15
N ILE B 109 -5.86 10.48 14.36
CA ILE B 109 -6.82 11.17 15.20
C ILE B 109 -7.11 12.58 14.67
N ASP B 110 -6.08 13.26 14.16
CA ASP B 110 -6.21 14.54 13.44
C ASP B 110 -7.27 14.47 12.37
N THR B 111 -7.18 13.44 11.51
CA THR B 111 -8.07 13.38 10.37
C THR B 111 -9.47 12.92 10.76
N LEU B 112 -9.59 12.20 11.87
CA LEU B 112 -10.91 11.83 12.37
C LEU B 112 -11.65 13.07 12.93
N PHE B 113 -10.93 13.92 13.65
CA PHE B 113 -11.61 14.96 14.45
C PHE B 113 -11.59 16.36 13.82
N LEU B 114 -10.68 16.58 12.88
CA LEU B 114 -10.47 17.92 12.31
C LEU B 114 -10.60 17.96 10.79
N THR B 115 -11.18 19.04 10.29
CA THR B 115 -11.06 19.40 8.88
C THR B 115 -10.76 20.90 8.77
N ARG B 116 -10.78 21.43 7.55
CA ARG B 116 -10.70 22.88 7.33
C ARG B 116 -11.86 23.29 6.47
N ASP B 117 -12.41 24.47 6.76
CA ASP B 117 -13.54 24.97 5.98
C ASP B 117 -13.06 25.65 4.70
N GLY B 118 -13.96 26.35 4.03
CA GLY B 118 -13.63 26.98 2.76
C GLY B 118 -12.51 28.01 2.85
N ASN B 119 -12.41 28.68 3.98
CA ASN B 119 -11.35 29.66 4.21
C ASN B 119 -10.10 29.13 4.90
N ASN B 120 -9.81 27.84 4.72
CA ASN B 120 -8.67 27.19 5.37
C ASN B 120 -8.63 27.29 6.89
N ILE B 121 -9.79 27.50 7.51
CA ILE B 121 -9.87 27.56 8.98
C ILE B 121 -10.18 26.18 9.55
N LEU B 122 -9.40 25.79 10.55
CA LEU B 122 -9.55 24.50 11.20
C LEU B 122 -10.93 24.41 11.86
N GLN B 123 -11.56 23.26 11.73
CA GLN B 123 -12.90 23.02 12.31
C GLN B 123 -12.93 21.65 12.99
N LEU B 124 -13.62 21.58 14.13
CA LEU B 124 -13.86 20.30 14.79
C LEU B 124 -15.03 19.58 14.13
N LYS B 125 -14.80 18.32 13.75
CA LYS B 125 -15.79 17.51 13.06
C LYS B 125 -16.65 16.71 14.01
N LEU B 126 -16.04 16.24 15.09
CA LEU B 126 -16.73 15.37 16.05
C LEU B 126 -16.27 15.70 17.44
N ASN B 127 -17.14 15.43 18.40
CA ASN B 127 -16.80 15.60 19.80
C ASN B 127 -16.02 14.39 20.31
N LEU B 128 -14.88 14.64 20.94
CA LEU B 128 -14.15 13.61 21.66
C LEU B 128 -14.48 13.69 23.15
N GLN B 129 -14.80 12.54 23.77
CA GLN B 129 -15.01 12.46 25.23
C GLN B 129 -13.88 11.70 25.88
N GLU B 130 -13.68 11.93 27.19
CA GLU B 130 -12.59 11.28 27.91
C GLU B 130 -12.77 9.77 27.96
N LYS B 131 -14.03 9.33 28.00
CA LYS B 131 -14.30 7.90 28.02
C LYS B 131 -13.98 7.19 26.68
N GLU B 132 -13.65 7.96 25.67
CA GLU B 132 -13.32 7.40 24.34
C GLU B 132 -11.82 7.33 24.11
N VAL B 133 -11.05 7.99 24.97
CA VAL B 133 -9.61 8.16 24.74
C VAL B 133 -8.78 6.87 24.79
N HIS B 134 -9.03 6.03 25.80
CA HIS B 134 -8.24 4.82 26.00
C HIS B 134 -8.30 3.87 24.79
N ARG B 135 -9.52 3.60 24.32
CA ARG B 135 -9.71 2.69 23.20
C ARG B 135 -9.28 3.33 21.89
N MET B 136 -9.37 4.66 21.81
CA MET B 136 -8.91 5.40 20.63
C MET B 136 -7.39 5.26 20.46
N ILE B 137 -6.66 5.35 21.55
CA ILE B 137 -5.21 5.18 21.55
C ILE B 137 -4.82 3.80 21.05
N ILE B 138 -5.47 2.79 21.60
CA ILE B 138 -5.28 1.41 21.17
C ILE B 138 -5.43 1.27 19.64
N ALA B 139 -6.56 1.73 19.11
CA ALA B 139 -6.83 1.63 17.68
C ALA B 139 -5.85 2.39 16.79
N ALA B 140 -5.53 3.63 17.17
CA ALA B 140 -4.67 4.48 16.35
C ALA B 140 -3.25 3.95 16.30
N VAL B 141 -2.77 3.43 17.42
CA VAL B 141 -1.44 2.83 17.41
C VAL B 141 -1.44 1.58 16.56
N ARG B 142 -2.44 0.73 16.70
CA ARG B 142 -2.47 -0.56 16.00
C ARG B 142 -2.58 -0.37 14.50
N LEU B 143 -3.48 0.51 14.09
CA LEU B 143 -3.69 0.80 12.67
C LEU B 143 -2.42 1.42 12.09
N SER B 144 -1.81 2.31 12.85
CA SER B 144 -0.58 2.96 12.44
C SER B 144 0.53 1.95 12.11
N THR B 145 0.75 0.97 12.99
CA THR B 145 1.79 -0.02 12.74
C THR B 145 1.49 -0.83 11.47
N LYS B 146 0.22 -1.11 11.21
CA LYS B 146 -0.17 -1.90 10.04
C LYS B 146 -0.06 -1.11 8.73
N LEU B 147 -0.23 0.22 8.80
CA LEU B 147 0.02 1.10 7.68
C LEU B 147 1.51 1.27 7.36
N LEU B 148 2.36 0.99 8.35
CA LEU B 148 3.78 1.37 8.27
C LEU B 148 4.76 0.21 8.17
N GLU B 149 4.54 -0.83 8.96
CA GLU B 149 5.56 -1.86 9.11
C GLU B 149 5.22 -3.15 8.37
N ASP B 150 6.22 -3.76 7.75
CA ASP B 150 6.01 -5.05 7.11
C ASP B 150 5.80 -6.13 8.13
N PHE B 151 6.40 -5.96 9.29
CA PHE B 151 6.16 -6.90 10.39
C PHE B 151 5.60 -6.13 11.59
N VAL B 152 4.48 -6.62 12.13
CA VAL B 152 3.91 -6.04 13.32
C VAL B 152 3.78 -7.12 14.38
N HIS B 153 3.66 -6.69 15.63
CA HIS B 153 3.40 -7.61 16.73
C HIS B 153 2.17 -8.45 16.47
N SER B 154 2.16 -9.66 17.01
CA SER B 154 1.04 -10.55 16.85
C SER B 154 -0.22 -9.93 17.48
N HIS B 155 -1.37 -10.33 16.99
CA HIS B 155 -2.63 -9.86 17.54
C HIS B 155 -2.72 -10.23 19.02
N GLU B 156 -2.18 -11.40 19.36
N GLU B 156 -2.19 -11.40 19.36
CA GLU B 156 -2.16 -11.87 20.74
CA GLU B 156 -2.16 -11.86 20.74
C GLU B 156 -1.31 -10.95 21.61
C GLU B 156 -1.31 -10.94 21.60
N TYR B 157 -0.06 -10.75 21.21
CA TYR B 157 0.86 -9.90 21.95
C TYR B 157 0.33 -8.46 22.15
N PHE B 158 -0.13 -7.83 21.07
CA PHE B 158 -0.65 -6.46 21.19
C PHE B 158 -1.87 -6.37 22.12
N SER B 159 -2.81 -7.31 21.99
CA SER B 159 -3.95 -7.37 22.90
C SER B 159 -3.53 -7.37 24.38
N LYS B 160 -2.60 -8.26 24.72
CA LYS B 160 -2.13 -8.38 26.10
C LYS B 160 -1.45 -7.11 26.58
N VAL B 161 -0.69 -6.48 25.70
CA VAL B 161 -0.06 -5.22 26.05
C VAL B 161 -1.10 -4.17 26.41
N CYS B 162 -2.20 -4.12 25.65
CA CYS B 162 -3.25 -3.12 25.84
C CYS B 162 -4.30 -3.58 26.84
N GLY B 163 -4.16 -4.81 27.32
CA GLY B 163 -5.04 -5.34 28.34
C GLY B 163 -6.46 -5.53 27.88
N ILE B 164 -6.64 -5.92 26.61
CA ILE B 164 -7.98 -6.16 26.08
C ILE B 164 -8.02 -7.51 25.44
N SER B 165 -9.22 -7.96 25.07
CA SER B 165 -9.37 -9.21 24.35
C SER B 165 -9.01 -9.03 22.87
N LYS B 166 -8.64 -10.13 22.22
CA LYS B 166 -8.30 -10.07 20.82
C LYS B 166 -9.52 -9.67 20.00
N ARG B 167 -10.69 -10.10 20.46
CA ARG B 167 -11.94 -9.77 19.78
C ARG B 167 -12.20 -8.26 19.80
N LEU B 168 -11.98 -7.64 20.96
CA LEU B 168 -12.12 -6.19 21.07
C LEU B 168 -11.11 -5.45 20.18
N LEU B 169 -9.87 -5.90 20.20
CA LEU B 169 -8.81 -5.29 19.37
C LEU B 169 -9.21 -5.24 17.91
N THR B 170 -9.72 -6.35 17.41
CA THR B 170 -10.20 -6.42 16.03
C THR B 170 -11.34 -5.42 15.81
N LYS B 171 -12.26 -5.35 16.75
CA LYS B 171 -13.36 -4.47 16.65
C LYS B 171 -12.93 -3.00 16.62
N LEU B 172 -11.92 -2.67 17.39
CA LEU B 172 -11.38 -1.31 17.44
C LEU B 172 -10.60 -0.94 16.18
N GLU B 173 -9.75 -1.84 15.66
CA GLU B 173 -9.07 -1.59 14.38
C GLU B 173 -10.06 -1.21 13.30
N VAL B 174 -11.12 -2.00 13.16
CA VAL B 174 -12.07 -1.81 12.08
C VAL B 174 -12.92 -0.56 12.31
N SER B 175 -13.27 -0.27 13.56
CA SER B 175 -14.05 0.91 13.86
C SER B 175 -13.30 2.18 13.44
N LEU B 176 -12.01 2.26 13.76
CA LEU B 176 -11.26 3.46 13.43
C LEU B 176 -11.10 3.50 11.90
N LEU B 177 -10.77 2.36 11.31
CA LEU B 177 -10.63 2.29 9.86
C LEU B 177 -11.89 2.78 9.13
N ILE B 178 -13.05 2.24 9.48
CA ILE B 178 -14.31 2.71 8.91
C ILE B 178 -14.49 4.23 9.14
N CYS B 179 -14.18 4.70 10.35
CA CYS B 179 -14.36 6.13 10.66
C CYS B 179 -13.46 7.11 9.90
N VAL B 180 -12.28 6.67 9.46
CA VAL B 180 -11.36 7.57 8.75
C VAL B 180 -11.19 7.32 7.24
N CYS B 181 -11.77 6.24 6.73
CA CYS B 181 -11.43 5.83 5.35
C CYS B 181 -12.11 6.72 4.30
N ASN B 182 -13.03 7.58 4.76
CA ASN B 182 -13.61 8.62 3.89
C ASN B 182 -12.69 9.83 3.76
N THR B 183 -11.57 9.82 4.46
CA THR B 183 -10.60 10.90 4.34
C THR B 183 -9.33 10.40 3.65
N LYS B 184 -8.47 11.32 3.22
CA LYS B 184 -7.23 10.93 2.55
C LYS B 184 -6.16 10.51 3.55
N LEU B 185 -5.77 9.24 3.47
CA LEU B 185 -4.99 8.56 4.51
C LEU B 185 -3.60 8.10 4.08
N MET B 186 -3.23 8.36 2.83
CA MET B 186 -1.98 7.80 2.34
C MET B 186 -0.78 8.27 3.14
N VAL B 187 -0.01 7.35 3.70
CA VAL B 187 1.20 7.71 4.42
C VAL B 187 2.17 8.48 3.50
N SER B 188 2.68 9.59 4.01
CA SER B 188 3.57 10.47 3.25
C SER B 188 4.30 11.38 4.24
N ASN B 189 5.41 11.96 3.78
CA ASN B 189 6.16 12.92 4.60
C ASN B 189 5.31 14.10 5.07
N ARG B 190 4.41 14.59 4.22
CA ARG B 190 3.56 15.70 4.62
C ARG B 190 2.57 15.35 5.71
N LYS B 191 2.13 14.10 5.76
CA LYS B 191 1.23 13.71 6.85
C LYS B 191 2.01 13.58 8.15
N LEU B 192 3.23 13.05 8.07
CA LEU B 192 4.13 12.99 9.22
C LEU B 192 4.34 14.40 9.76
N ALA B 193 4.60 15.32 8.85
CA ALA B 193 4.82 16.72 9.23
C ALA B 193 3.58 17.33 9.85
N ALA B 194 2.44 17.15 9.18
CA ALA B 194 1.17 17.72 9.62
C ALA B 194 0.83 17.39 11.07
N SER B 195 1.23 16.20 11.54
CA SER B 195 0.90 15.81 12.90
C SER B 195 1.40 16.84 13.92
N LYS B 196 2.61 17.36 13.68
CA LYS B 196 3.18 18.39 14.55
C LYS B 196 2.68 19.79 14.21
N LEU B 197 2.54 20.09 12.93
CA LEU B 197 2.06 21.41 12.53
C LEU B 197 0.62 21.69 12.98
N LEU B 198 -0.25 20.67 12.95
CA LEU B 198 -1.63 20.85 13.41
C LEU B 198 -1.70 21.05 14.93
N LEU B 199 -0.82 20.37 15.65
CA LEU B 199 -0.73 20.51 17.10
C LEU B 199 -0.33 21.94 17.46
N ASN B 200 0.65 22.47 16.72
CA ASN B 200 1.07 23.86 16.92
C ASN B 200 -0.08 24.83 16.67
N GLU B 201 -0.82 24.62 15.59
CA GLU B 201 -1.97 25.46 15.27
C GLU B 201 -3.05 25.39 16.36
N LEU B 202 -3.37 24.19 16.83
CA LEU B 202 -4.37 24.04 17.89
C LEU B 202 -3.89 24.73 19.16
N ARG B 203 -2.64 24.44 19.49
CA ARG B 203 -1.99 24.98 20.66
C ARG B 203 -2.16 26.49 20.68
N SER B 204 -2.05 27.12 19.50
CA SER B 204 -2.13 28.56 19.39
C SER B 204 -3.52 29.15 19.62
N PHE B 205 -4.54 28.32 19.66
CA PHE B 205 -5.87 28.85 19.91
C PHE B 205 -6.32 28.58 21.30
N CYS B 206 -5.70 27.67 21.99
CA CYS B 206 -6.14 27.35 23.30
C CYS B 206 -5.32 28.09 24.34
#